data_5OVP
#
_entry.id   5OVP
#
_cell.length_a   32.090
_cell.length_b   32.090
_cell.length_c   150.220
_cell.angle_alpha   90.00
_cell.angle_beta   90.00
_cell.angle_gamma   120.00
#
_symmetry.space_group_name_H-M   'P 32 1 2'
#
loop_
_entity.id
_entity.type
_entity.pdbx_description
1 polymer 'SH3 and multiple ankyrin repeat domains protein 3'
2 polymer 'Adhesion G protein-coupled receptor L1'
3 water water
#
loop_
_entity_poly.entity_id
_entity_poly.type
_entity_poly.pdbx_seq_one_letter_code
_entity_poly.pdbx_strand_id
1 'polypeptide(L)'
;SVAILQKRDHEGFGFVLRGAKAETPIEEFTPTPAFPALQYLESVDVEGVAWKAGLRTGDFLIEVNGVNVVKVGHKQVVGL
IRQGGNRLVMKVVSVT
;
A
2 'polypeptide(L)' (ACE)QLVTSL B
#
loop_
_chem_comp.id
_chem_comp.type
_chem_comp.name
_chem_comp.formula
ACE non-polymer 'ACETYL GROUP' 'C2 H4 O'
#
# COMPACT_ATOMS: atom_id res chain seq x y z
N SER A 1 0.47 12.14 -0.42
CA SER A 1 -0.81 12.32 -1.10
C SER A 1 -1.79 11.25 -0.64
N VAL A 2 -3.09 11.51 -0.81
CA VAL A 2 -4.16 10.58 -0.48
C VAL A 2 -4.85 10.21 -1.77
N ALA A 3 -5.10 8.91 -1.97
CA ALA A 3 -5.89 8.41 -3.09
C ALA A 3 -7.09 7.68 -2.51
N ILE A 4 -8.24 7.95 -3.07
CA ILE A 4 -9.46 7.25 -2.71
C ILE A 4 -9.82 6.33 -3.86
N LEU A 5 -9.56 5.04 -3.69
CA LEU A 5 -9.78 4.08 -4.75
C LEU A 5 -11.13 3.40 -4.55
N GLN A 6 -11.89 3.31 -5.63
CA GLN A 6 -13.12 2.53 -5.64
C GLN A 6 -13.05 1.60 -6.82
N LYS A 7 -13.10 0.32 -6.55
CA LYS A 7 -13.07 -0.68 -7.60
C LYS A 7 -14.42 -1.38 -7.63
N ARG A 8 -14.65 -2.08 -8.73
CA ARG A 8 -15.79 -2.98 -8.82
C ARG A 8 -15.43 -4.36 -8.24
N ASP A 9 -16.48 -5.10 -7.85
CA ASP A 9 -16.30 -6.44 -7.28
C ASP A 9 -15.35 -7.26 -8.13
N HIS A 10 -15.41 -7.08 -9.43
CA HIS A 10 -14.79 -8.00 -10.37
C HIS A 10 -13.38 -7.58 -10.79
N GLU A 11 -12.83 -6.51 -10.24
CA GLU A 11 -11.48 -6.11 -10.61
C GLU A 11 -10.61 -6.05 -9.37
N GLY A 12 -9.31 -5.90 -9.61
CA GLY A 12 -8.39 -5.56 -8.55
C GLY A 12 -8.17 -4.05 -8.50
N PHE A 13 -7.38 -3.64 -7.52
CA PHE A 13 -6.95 -2.24 -7.44
C PHE A 13 -5.87 -1.91 -8.45
N GLY A 14 -5.19 -2.92 -9.00
CA GLY A 14 -4.18 -2.66 -10.02
C GLY A 14 -2.85 -2.20 -9.49
N PHE A 15 -2.40 -2.72 -8.34
CA PHE A 15 -1.04 -2.46 -7.89
C PHE A 15 -0.51 -3.70 -7.21
N VAL A 16 0.81 -3.80 -7.16
CA VAL A 16 1.50 -4.87 -6.47
C VAL A 16 2.19 -4.26 -5.25
N LEU A 17 1.84 -4.78 -4.08
CA LEU A 17 2.42 -4.33 -2.82
C LEU A 17 3.60 -5.23 -2.48
N ARG A 18 4.64 -4.61 -1.91
CA ARG A 18 5.83 -5.34 -1.54
C ARG A 18 6.40 -4.79 -0.25
N GLY A 19 6.88 -5.67 0.62
CA GLY A 19 7.62 -5.16 1.75
C GLY A 19 7.84 -6.20 2.82
N ALA A 20 8.38 -5.71 3.94
CA ALA A 20 8.84 -6.58 5.00
C ALA A 20 7.75 -7.46 5.59
N LYS A 21 8.07 -8.74 5.75
CA LYS A 21 7.27 -9.63 6.58
C LYS A 21 7.46 -9.25 8.06
N ALA A 22 6.48 -9.58 8.90
CA ALA A 22 6.67 -9.33 10.33
C ALA A 22 5.71 -10.09 11.25
N GLU A 23 4.44 -10.19 10.86
CA GLU A 23 3.41 -10.84 11.67
C GLU A 23 3.04 -10.05 12.92
N THR A 24 4.03 -9.54 13.66
CA THR A 24 3.77 -8.57 14.72
C THR A 24 4.56 -7.30 14.46
N PRO A 25 3.95 -6.11 14.61
CA PRO A 25 4.64 -4.89 14.16
C PRO A 25 5.97 -4.75 14.84
N ILE A 26 6.97 -4.29 14.09
CA ILE A 26 8.31 -4.16 14.61
C ILE A 26 9.02 -3.06 13.83
N GLU A 27 9.48 -2.01 14.52
CA GLU A 27 9.49 -1.89 15.99
C GLU A 27 9.90 -0.48 16.34
N GLU A 28 11.17 -0.17 16.09
CA GLU A 28 11.68 1.19 16.17
C GLU A 28 12.38 1.56 14.86
N PHE A 29 12.13 0.81 13.79
CA PHE A 29 12.38 1.26 12.44
C PHE A 29 11.92 2.70 12.33
N THR A 30 12.83 3.58 11.92
CA THR A 30 12.48 5.00 11.86
C THR A 30 12.37 5.42 10.41
N PRO A 31 11.18 5.75 9.94
CA PRO A 31 11.04 6.22 8.56
C PRO A 31 11.98 7.38 8.31
N THR A 32 12.44 7.47 7.07
CA THR A 32 13.23 8.57 6.58
C THR A 32 12.83 8.82 5.14
N PRO A 33 12.95 10.06 4.65
CA PRO A 33 12.56 10.34 3.27
C PRO A 33 13.06 9.29 2.28
N ALA A 34 14.20 8.67 2.56
CA ALA A 34 14.73 7.67 1.64
C ALA A 34 14.04 6.33 1.78
N PHE A 35 13.60 5.99 3.00
CA PHE A 35 12.85 4.76 3.26
C PHE A 35 11.71 5.11 4.21
N PRO A 36 10.60 5.62 3.68
CA PRO A 36 9.56 6.15 4.54
C PRO A 36 8.60 5.12 5.13
N ALA A 37 8.67 3.84 4.75
CA ALA A 37 7.72 2.87 5.25
C ALA A 37 8.18 1.47 4.85
N LEU A 38 7.57 0.46 5.49
CA LEU A 38 7.98 -0.90 5.22
C LEU A 38 7.37 -1.48 3.97
N GLN A 39 6.24 -0.96 3.52
CA GLN A 39 5.54 -1.46 2.34
C GLN A 39 5.46 -0.38 1.28
N TYR A 40 5.58 -0.79 0.02
CA TYR A 40 5.56 0.14 -1.10
C TYR A 40 4.91 -0.53 -2.31
N LEU A 41 4.62 0.28 -3.33
CA LEU A 41 4.04 -0.22 -4.56
C LEU A 41 5.17 -0.61 -5.50
N GLU A 42 5.39 -1.92 -5.64
CA GLU A 42 6.40 -2.35 -6.59
C GLU A 42 6.01 -2.00 -8.03
N SER A 43 4.70 -2.01 -8.34
CA SER A 43 4.23 -1.71 -9.69
C SER A 43 2.77 -1.24 -9.61
N VAL A 44 2.33 -0.53 -10.66
CA VAL A 44 0.94 -0.15 -10.87
C VAL A 44 0.58 -0.42 -12.33
N ASP A 45 -0.59 -1.03 -12.55
CA ASP A 45 -1.06 -1.37 -13.90
C ASP A 45 -1.65 -0.13 -14.56
N VAL A 46 -1.16 0.22 -15.76
CA VAL A 46 -1.83 1.25 -16.55
C VAL A 46 -3.27 0.84 -16.82
N GLU A 47 -4.17 1.80 -16.79
CA GLU A 47 -5.60 1.58 -16.95
C GLU A 47 -6.22 0.84 -15.77
N GLY A 48 -5.45 0.59 -14.70
CA GLY A 48 -6.03 0.08 -13.47
C GLY A 48 -6.54 1.22 -12.55
N VAL A 49 -7.23 0.82 -11.48
CA VAL A 49 -7.83 1.76 -10.54
C VAL A 49 -6.77 2.66 -9.92
N ALA A 50 -5.70 2.06 -9.40
CA ALA A 50 -4.70 2.86 -8.73
C ALA A 50 -4.04 3.82 -9.69
N TRP A 51 -3.76 3.35 -10.92
CA TRP A 51 -3.05 4.19 -11.87
C TRP A 51 -3.90 5.37 -12.27
N LYS A 52 -5.19 5.11 -12.52
CA LYS A 52 -6.09 6.20 -12.89
C LYS A 52 -6.18 7.21 -11.77
N ALA A 53 -6.06 6.78 -10.52
CA ALA A 53 -6.04 7.72 -9.41
C ALA A 53 -4.67 8.34 -9.16
N GLY A 54 -3.66 8.00 -9.96
CA GLY A 54 -2.39 8.70 -9.91
C GLY A 54 -1.31 8.04 -9.08
N LEU A 55 -1.59 6.89 -8.48
CA LEU A 55 -0.55 6.14 -7.79
C LEU A 55 0.47 5.63 -8.78
N ARG A 56 1.71 5.52 -8.32
CA ARG A 56 2.79 5.21 -9.22
C ARG A 56 3.74 4.22 -8.58
N THR A 57 4.42 3.49 -9.43
CA THR A 57 5.46 2.58 -9.01
C THR A 57 6.41 3.31 -8.09
N GLY A 58 6.75 2.68 -6.99
CA GLY A 58 7.70 3.23 -6.04
C GLY A 58 7.06 3.99 -4.90
N ASP A 59 5.76 4.22 -4.94
CA ASP A 59 5.10 4.96 -3.88
C ASP A 59 5.11 4.13 -2.60
N PHE A 60 5.42 4.78 -1.48
CA PHE A 60 5.46 4.12 -0.18
C PHE A 60 4.12 4.27 0.52
N LEU A 61 3.65 3.19 1.13
CA LEU A 61 2.30 3.16 1.71
C LEU A 61 2.36 3.57 3.18
N ILE A 62 1.66 4.66 3.50
CA ILE A 62 1.68 5.31 4.83
C ILE A 62 0.46 4.96 5.68
N GLU A 63 -0.72 4.97 5.08
CA GLU A 63 -1.98 4.77 5.80
C GLU A 63 -2.94 3.98 4.92
N VAL A 64 -3.72 3.10 5.54
CA VAL A 64 -4.76 2.33 4.88
C VAL A 64 -6.04 2.60 5.64
N ASN A 65 -7.02 3.19 4.97
CA ASN A 65 -8.30 3.55 5.59
C ASN A 65 -8.15 4.21 6.96
N GLY A 66 -7.20 5.15 7.05
CA GLY A 66 -6.95 5.92 8.26
C GLY A 66 -5.93 5.32 9.25
N VAL A 67 -5.53 4.06 9.05
CA VAL A 67 -4.62 3.38 9.96
C VAL A 67 -3.18 3.47 9.45
N ASN A 68 -2.31 4.03 10.29
CA ASN A 68 -0.89 4.17 9.99
C ASN A 68 -0.25 2.80 9.89
N VAL A 69 0.35 2.47 8.75
CA VAL A 69 0.96 1.16 8.49
C VAL A 69 2.45 1.27 8.20
N VAL A 70 3.09 2.35 8.59
CA VAL A 70 4.48 2.56 8.28
C VAL A 70 5.34 1.44 8.85
N LYS A 71 5.03 0.99 10.06
CA LYS A 71 5.81 -0.06 10.74
C LYS A 71 5.10 -1.42 10.76
N VAL A 72 4.09 -1.62 9.92
CA VAL A 72 3.25 -2.82 9.99
C VAL A 72 3.75 -3.85 8.97
N GLY A 73 3.71 -5.12 9.36
CA GLY A 73 4.16 -6.19 8.47
C GLY A 73 3.22 -6.41 7.30
N HIS A 74 3.75 -7.06 6.28
CA HIS A 74 3.07 -7.12 4.99
C HIS A 74 1.73 -7.83 5.09
N LYS A 75 1.70 -8.99 5.74
CA LYS A 75 0.47 -9.77 5.88
C LYS A 75 -0.64 -8.93 6.49
N GLN A 76 -0.29 -8.17 7.51
CA GLN A 76 -1.24 -7.37 8.26
C GLN A 76 -1.75 -6.21 7.41
N VAL A 77 -0.86 -5.61 6.62
CA VAL A 77 -1.28 -4.52 5.73
C VAL A 77 -2.22 -5.05 4.66
N VAL A 78 -1.91 -6.19 4.07
CA VAL A 78 -2.81 -6.84 3.14
C VAL A 78 -4.16 -7.10 3.81
N GLY A 79 -4.15 -7.60 5.04
CA GLY A 79 -5.42 -7.82 5.75
C GLY A 79 -6.23 -6.55 5.86
N LEU A 80 -5.58 -5.44 6.22
CA LEU A 80 -6.30 -4.19 6.37
C LEU A 80 -6.87 -3.73 5.04
N ILE A 81 -6.12 -3.92 3.95
CA ILE A 81 -6.62 -3.60 2.62
C ILE A 81 -7.82 -4.45 2.28
N ARG A 82 -7.76 -5.74 2.56
CA ARG A 82 -8.89 -6.60 2.22
C ARG A 82 -10.12 -6.24 3.04
N GLN A 83 -9.93 -5.82 4.30
CA GLN A 83 -11.06 -5.49 5.17
C GLN A 83 -11.98 -4.45 4.55
N GLY A 84 -11.42 -3.51 3.77
CA GLY A 84 -12.21 -2.45 3.20
C GLY A 84 -13.00 -2.83 1.96
N GLY A 85 -12.80 -3.99 1.40
CA GLY A 85 -13.62 -4.41 0.29
C GLY A 85 -13.28 -3.69 -1.00
N ASN A 86 -14.29 -3.06 -1.61
CA ASN A 86 -14.07 -2.39 -2.88
C ASN A 86 -13.61 -0.94 -2.73
N ARG A 87 -13.47 -0.47 -1.51
CA ARG A 87 -13.06 0.88 -1.25
C ARG A 87 -11.73 0.83 -0.53
N LEU A 88 -10.81 1.67 -0.95
CA LEU A 88 -9.51 1.75 -0.30
C LEU A 88 -9.02 3.18 -0.33
N VAL A 89 -8.77 3.74 0.85
CA VAL A 89 -8.20 5.07 1.00
C VAL A 89 -6.75 4.86 1.40
N MET A 90 -5.82 5.31 0.56
N MET A 90 -5.84 5.33 0.56
CA MET A 90 -4.40 5.05 0.78
CA MET A 90 -4.42 5.11 0.74
C MET A 90 -3.63 6.35 0.77
C MET A 90 -3.75 6.47 0.85
N LYS A 91 -2.93 6.66 1.86
CA LYS A 91 -1.98 7.75 1.90
C LYS A 91 -0.61 7.21 1.56
N VAL A 92 0.09 7.92 0.66
CA VAL A 92 1.39 7.48 0.17
C VAL A 92 2.37 8.64 0.14
N VAL A 93 3.65 8.30 0.06
CA VAL A 93 4.70 9.26 -0.20
C VAL A 93 5.51 8.77 -1.39
N SER A 94 5.83 9.67 -2.32
CA SER A 94 6.71 9.33 -3.43
C SER A 94 8.13 9.64 -2.99
N VAL A 95 8.96 8.60 -2.90
CA VAL A 95 10.37 8.78 -2.61
C VAL A 95 11.12 9.42 -3.77
N THR A 96 10.46 9.58 -4.92
CA THR A 96 11.07 10.20 -6.09
C THR A 96 11.47 11.65 -5.85
C ACE B 1 11.31 -10.24 3.71
O ACE B 1 10.80 -9.59 4.61
CH3 ACE B 1 12.51 -11.11 3.98
N GLN B 2 10.93 -10.26 2.45
CA GLN B 2 9.79 -9.50 1.99
C GLN B 2 8.74 -10.41 1.37
N LEU B 3 7.51 -9.90 1.35
N LEU B 3 7.51 -9.93 1.34
CA LEU B 3 6.40 -10.50 0.64
CA LEU B 3 6.42 -10.55 0.62
C LEU B 3 5.98 -9.57 -0.50
C LEU B 3 5.94 -9.58 -0.45
N VAL B 4 5.32 -10.17 -1.49
CA VAL B 4 4.82 -9.45 -2.66
C VAL B 4 3.42 -9.97 -2.95
N THR B 5 2.43 -9.05 -2.98
CA THR B 5 1.04 -9.42 -3.19
C THR B 5 0.43 -8.56 -4.29
N SER B 6 -0.27 -9.21 -5.22
CA SER B 6 -1.03 -8.49 -6.25
C SER B 6 -2.41 -8.17 -5.72
N LEU B 7 -2.81 -6.89 -5.77
CA LEU B 7 -4.08 -6.44 -5.19
C LEU B 7 -4.88 -5.64 -6.17
#